data_4TRF
#
_entry.id   4TRF
#
_cell.length_a   95.748
_cell.length_b   95.748
_cell.length_c   103.600
_cell.angle_alpha   90.00
_cell.angle_beta   90.00
_cell.angle_gamma   120.00
#
_symmetry.space_group_name_H-M   'P 31 2 1'
#
loop_
_entity.id
_entity.type
_entity.pdbx_description
1 polymer 'Macrophage migration inhibitory factor'
2 non-polymer N-(pyridin-3-ylmethyl)thioformamide
3 non-polymer 'SULFATE ION'
4 non-polymer GLYCEROL
5 non-polymer 'ISOPROPYL ALCOHOL'
6 water water
#
_entity_poly.entity_id   1
_entity_poly.type   'polypeptide(L)'
_entity_poly.pdbx_seq_one_letter_code
;PMFIVNTNVPRASVPDGFLSELTQQLAQATGKPPQYIAVHVVPDQLMAFGGSSEPCALCSLHSIGKIGGAQNRSYSKLLC
GLLAERLRISPDRVYINYYDMNAANVGWNNSTFA
;
_entity_poly.pdbx_strand_id   A,B,C
#
loop_
_chem_comp.id
_chem_comp.type
_chem_comp.name
_chem_comp.formula
35J non-polymer N-(pyridin-3-ylmethyl)thioformamide 'C7 H8 N2 S'
GOL non-polymer GLYCEROL 'C3 H8 O3'
IPA non-polymer 'ISOPROPYL ALCOHOL' 'C3 H8 O'
SO4 non-polymer 'SULFATE ION' 'O4 S -2'
#
# COMPACT_ATOMS: atom_id res chain seq x y z
N PRO A 1 13.76 -7.06 1.76
CA PRO A 1 13.01 -6.61 0.56
C PRO A 1 11.62 -7.19 0.49
N MET A 2 10.71 -6.34 0.07
CA MET A 2 9.34 -6.69 0.05
C MET A 2 8.76 -6.20 -1.27
N PHE A 3 8.12 -7.13 -1.96
CA PHE A 3 7.56 -6.81 -3.27
C PHE A 3 6.05 -7.08 -3.32
N ILE A 4 5.26 -6.08 -3.69
CA ILE A 4 3.85 -6.22 -3.78
C ILE A 4 3.41 -5.83 -5.19
N VAL A 5 2.56 -6.67 -5.78
CA VAL A 5 1.99 -6.37 -7.10
C VAL A 5 0.50 -6.44 -6.99
N ASN A 6 -0.12 -5.33 -7.37
CA ASN A 6 -1.57 -5.28 -7.49
C ASN A 6 -1.95 -5.24 -8.99
N THR A 7 -2.87 -6.13 -9.40
CA THR A 7 -3.20 -6.26 -10.81
C THR A 7 -4.66 -6.60 -11.03
N ASN A 8 -5.15 -6.17 -12.19
CA ASN A 8 -6.47 -6.53 -12.67
C ASN A 8 -6.50 -7.90 -13.36
N VAL A 9 -5.39 -8.51 -13.61
CA VAL A 9 -5.50 -9.84 -14.18
C VAL A 9 -6.11 -10.83 -13.19
N PRO A 10 -6.82 -11.82 -13.70
CA PRO A 10 -7.47 -12.73 -12.80
C PRO A 10 -6.56 -13.71 -12.11
N ARG A 11 -6.99 -14.21 -10.98
CA ARG A 11 -6.18 -15.11 -10.15
C ARG A 11 -5.75 -16.33 -10.97
N ALA A 12 -6.64 -16.81 -11.82
CA ALA A 12 -6.31 -18.05 -12.57
C ALA A 12 -5.23 -17.82 -13.55
N SER A 13 -4.88 -16.59 -13.94
CA SER A 13 -3.85 -16.19 -14.81
C SER A 13 -2.46 -16.17 -14.13
N VAL A 14 -2.43 -16.27 -12.80
CA VAL A 14 -1.17 -16.26 -12.09
C VAL A 14 -0.64 -17.72 -12.11
N PRO A 15 0.54 -17.93 -12.65
CA PRO A 15 0.97 -19.29 -12.83
C PRO A 15 1.47 -19.93 -11.58
N ASP A 16 1.22 -21.19 -11.46
CA ASP A 16 1.82 -21.94 -10.37
C ASP A 16 3.32 -21.65 -10.25
N GLY A 17 3.77 -21.37 -9.02
CA GLY A 17 5.20 -21.03 -8.87
C GLY A 17 5.63 -19.59 -8.95
N PHE A 18 4.68 -18.73 -9.29
CA PHE A 18 5.04 -17.33 -9.48
C PHE A 18 5.66 -16.67 -8.21
N LEU A 19 5.08 -16.91 -7.03
CA LEU A 19 5.61 -16.28 -5.82
C LEU A 19 7.03 -16.86 -5.53
N SER A 20 7.23 -18.14 -5.86
CA SER A 20 8.58 -18.69 -5.72
C SER A 20 9.54 -18.08 -6.62
N GLU A 21 9.15 -17.96 -7.87
CA GLU A 21 10.04 -17.29 -8.80
C GLU A 21 10.38 -15.84 -8.42
N LEU A 22 9.37 -15.11 -8.02
CA LEU A 22 9.66 -13.77 -7.57
C LEU A 22 10.68 -13.74 -6.40
N THR A 23 10.48 -14.63 -5.45
CA THR A 23 11.41 -14.74 -4.31
C THR A 23 12.83 -14.96 -4.77
N GLN A 24 12.92 -15.90 -5.69
CA GLN A 24 14.24 -16.32 -6.18
C GLN A 24 14.92 -15.25 -6.97
N GLN A 25 14.18 -14.66 -7.88
CA GLN A 25 14.72 -13.63 -8.72
C GLN A 25 15.11 -12.35 -7.94
N LEU A 26 14.27 -11.99 -6.95
CA LEU A 26 14.59 -10.86 -6.11
C LEU A 26 15.83 -11.13 -5.22
N ALA A 27 16.00 -12.33 -4.78
CA ALA A 27 17.20 -12.68 -4.02
C ALA A 27 18.40 -12.48 -4.88
N GLN A 28 18.37 -13.00 -6.11
CA GLN A 28 19.43 -12.79 -7.04
C GLN A 28 19.69 -11.32 -7.27
N ALA A 29 18.65 -10.50 -7.48
CA ALA A 29 18.81 -9.15 -7.90
C ALA A 29 19.30 -8.21 -6.79
N THR A 30 18.84 -8.45 -5.62
CA THR A 30 19.22 -7.63 -4.46
C THR A 30 20.44 -8.14 -3.69
N GLY A 31 20.80 -9.39 -3.89
CA GLY A 31 21.82 -10.04 -3.09
C GLY A 31 21.35 -10.47 -1.71
N LYS A 32 20.11 -10.29 -1.33
CA LYS A 32 19.67 -10.63 0.00
C LYS A 32 19.25 -12.13 0.10
N PRO A 33 19.33 -12.75 1.27
CA PRO A 33 18.95 -14.15 1.34
C PRO A 33 17.48 -14.27 1.05
N PRO A 34 17.08 -15.33 0.40
CA PRO A 34 15.65 -15.55 0.19
C PRO A 34 14.78 -15.54 1.47
N GLN A 35 15.32 -15.97 2.61
CA GLN A 35 14.54 -16.01 3.84
C GLN A 35 13.99 -14.67 4.24
N TYR A 36 14.59 -13.61 3.78
CA TYR A 36 14.15 -12.30 4.20
C TYR A 36 13.27 -11.63 3.16
N ILE A 37 12.98 -12.34 2.09
CA ILE A 37 12.21 -11.76 1.01
C ILE A 37 10.73 -12.07 1.16
N ALA A 38 9.92 -11.01 1.12
CA ALA A 38 8.49 -11.18 1.15
C ALA A 38 7.84 -10.72 -0.16
N VAL A 39 6.90 -11.51 -0.60
CA VAL A 39 6.18 -11.24 -1.89
C VAL A 39 4.70 -11.36 -1.69
N HIS A 40 3.93 -10.48 -2.38
CA HIS A 40 2.52 -10.39 -2.17
C HIS A 40 1.92 -10.03 -3.55
N VAL A 41 1.02 -10.87 -4.02
CA VAL A 41 0.38 -10.72 -5.30
C VAL A 41 -1.11 -10.64 -5.09
N VAL A 42 -1.68 -9.55 -5.66
CA VAL A 42 -3.12 -9.21 -5.44
C VAL A 42 -3.86 -9.13 -6.79
N PRO A 43 -4.43 -10.22 -7.27
CA PRO A 43 -5.10 -10.24 -8.57
C PRO A 43 -6.57 -9.73 -8.49
N ASP A 44 -7.21 -9.73 -9.65
CA ASP A 44 -8.61 -9.42 -9.73
C ASP A 44 -8.97 -8.00 -9.18
N GLN A 45 -8.05 -7.04 -9.29
CA GLN A 45 -8.29 -5.67 -8.81
C GLN A 45 -9.02 -4.80 -9.80
N LEU A 46 -9.76 -3.87 -9.23
CA LEU A 46 -10.47 -2.87 -9.97
C LEU A 46 -9.49 -1.70 -10.22
N MET A 47 -8.96 -1.69 -11.46
CA MET A 47 -7.87 -0.83 -11.88
C MET A 47 -8.08 -0.19 -13.23
N ALA A 48 -7.46 0.96 -13.35
CA ALA A 48 -7.26 1.51 -14.68
C ALA A 48 -5.91 2.12 -14.78
N PHE A 49 -5.35 2.05 -16.00
CA PHE A 49 -4.09 2.69 -16.35
C PHE A 49 -4.33 3.51 -17.65
N GLY A 50 -4.17 4.82 -17.58
CA GLY A 50 -4.41 5.69 -18.69
C GLY A 50 -5.87 5.62 -19.13
N GLY A 51 -6.75 5.34 -18.19
CA GLY A 51 -8.20 5.21 -18.50
C GLY A 51 -8.67 4.01 -19.22
N SER A 52 -7.81 3.00 -19.35
CA SER A 52 -8.09 1.72 -19.94
C SER A 52 -8.08 0.59 -18.90
N SER A 53 -8.90 -0.42 -19.10
CA SER A 53 -8.96 -1.59 -18.23
C SER A 53 -8.20 -2.74 -18.78
N GLU A 54 -7.32 -2.53 -19.78
CA GLU A 54 -6.47 -3.64 -20.25
C GLU A 54 -5.48 -4.04 -19.08
N PRO A 55 -4.91 -5.25 -19.12
CA PRO A 55 -4.05 -5.69 -18.04
C PRO A 55 -3.03 -4.62 -17.66
N CYS A 56 -2.89 -4.40 -16.35
CA CYS A 56 -1.98 -3.44 -15.81
C CYS A 56 -1.54 -3.87 -14.40
N ALA A 57 -0.56 -3.14 -13.86
CA ALA A 57 -0.14 -3.40 -12.47
C ALA A 57 0.41 -2.20 -11.81
N LEU A 58 0.17 -2.12 -10.51
CA LEU A 58 0.74 -1.13 -9.62
C LEU A 58 1.51 -1.91 -8.55
N CYS A 59 2.78 -1.62 -8.43
CA CYS A 59 3.68 -2.40 -7.59
C CYS A 59 4.48 -1.53 -6.68
N SER A 60 5.04 -2.17 -5.64
CA SER A 60 5.94 -1.50 -4.71
C SER A 60 7.14 -2.46 -4.42
N LEU A 61 8.34 -1.91 -4.35
CA LEU A 61 9.51 -2.67 -3.80
C LEU A 61 10.06 -1.81 -2.66
N HIS A 62 10.06 -2.38 -1.49
CA HIS A 62 10.67 -1.80 -0.31
C HIS A 62 11.94 -2.57 0.00
N SER A 63 13.03 -1.84 0.29
CA SER A 63 14.26 -2.52 0.72
C SER A 63 15.02 -1.64 1.65
N ILE A 64 15.76 -2.23 2.58
CA ILE A 64 16.68 -1.47 3.39
C ILE A 64 17.94 -1.38 2.61
N GLY A 65 18.18 -0.29 1.92
CA GLY A 65 19.25 -0.15 0.98
C GLY A 65 18.99 -0.93 -0.32
N LYS A 66 20.03 -1.01 -1.18
CA LYS A 66 19.94 -1.68 -2.50
C LYS A 66 18.92 -0.95 -3.42
N ILE A 67 18.72 0.33 -3.20
CA ILE A 67 17.82 1.19 -3.98
C ILE A 67 18.66 2.30 -4.51
N GLY A 68 18.51 2.57 -5.81
CA GLY A 68 19.25 3.71 -6.43
C GLY A 68 19.01 3.79 -7.88
N GLY A 69 19.58 4.79 -8.52
CA GLY A 69 19.30 4.98 -9.92
C GLY A 69 19.48 3.77 -10.79
N ALA A 70 20.70 3.23 -10.80
CA ALA A 70 20.96 2.11 -11.66
C ALA A 70 20.30 0.81 -11.23
N GLN A 71 20.29 0.61 -9.94
CA GLN A 71 19.67 -0.55 -9.36
C GLN A 71 18.20 -0.62 -9.79
N ASN A 72 17.56 0.52 -9.62
CA ASN A 72 16.11 0.56 -9.91
C ASN A 72 15.78 0.32 -11.35
N ARG A 73 16.64 0.80 -12.25
CA ARG A 73 16.48 0.46 -13.64
C ARG A 73 16.57 -1.03 -13.85
N SER A 74 17.58 -1.67 -13.24
CA SER A 74 17.69 -3.11 -13.31
C SER A 74 16.52 -3.88 -12.77
N TYR A 75 16.02 -3.44 -11.62
CA TYR A 75 14.86 -4.08 -11.06
C TYR A 75 13.63 -3.90 -11.97
N SER A 76 13.48 -2.73 -12.57
CA SER A 76 12.34 -2.50 -13.41
C SER A 76 12.31 -3.39 -14.62
N LYS A 77 13.55 -3.56 -15.20
CA LYS A 77 13.67 -4.47 -16.35
C LYS A 77 13.30 -5.90 -15.96
N LEU A 78 13.81 -6.35 -14.80
CA LEU A 78 13.48 -7.63 -14.29
C LEU A 78 12.01 -7.88 -14.03
N LEU A 79 11.44 -6.92 -13.31
CA LEU A 79 10.11 -7.13 -12.78
C LEU A 79 9.09 -6.90 -13.90
N CYS A 80 9.26 -5.87 -14.70
CA CYS A 80 8.41 -5.69 -15.91
C CYS A 80 8.50 -6.93 -16.80
N GLY A 81 9.73 -7.45 -16.97
CA GLY A 81 9.82 -8.65 -17.76
C GLY A 81 9.07 -9.82 -17.24
N LEU A 82 9.12 -10.04 -15.90
CA LEU A 82 8.34 -11.09 -15.27
C LEU A 82 6.82 -10.89 -15.43
N LEU A 83 6.37 -9.64 -15.20
CA LEU A 83 4.95 -9.41 -15.33
C LEU A 83 4.46 -9.61 -16.79
N ALA A 84 5.28 -9.24 -17.73
CA ALA A 84 4.98 -9.48 -19.14
C ALA A 84 4.95 -10.94 -19.47
N GLU A 85 6.03 -11.66 -19.13
CA GLU A 85 6.09 -13.07 -19.53
C GLU A 85 5.14 -13.95 -18.81
N ARG A 86 4.95 -13.63 -17.53
CA ARG A 86 4.17 -14.52 -16.67
C ARG A 86 2.69 -14.16 -16.62
N LEU A 87 2.40 -12.88 -16.48
CA LEU A 87 1.04 -12.38 -16.33
C LEU A 87 0.47 -11.71 -17.57
N ARG A 88 1.27 -11.64 -18.64
CA ARG A 88 0.84 -11.00 -19.95
C ARG A 88 0.41 -9.57 -19.74
N ILE A 89 1.12 -8.88 -18.91
CA ILE A 89 0.95 -7.43 -18.71
C ILE A 89 1.98 -6.69 -19.48
N SER A 90 1.56 -5.75 -20.35
N SER A 90 1.56 -5.74 -20.34
CA SER A 90 2.51 -4.94 -21.06
CA SER A 90 2.53 -4.94 -21.06
C SER A 90 3.36 -4.08 -20.15
C SER A 90 3.36 -4.06 -20.15
N PRO A 91 4.68 -3.96 -20.37
CA PRO A 91 5.53 -3.18 -19.48
C PRO A 91 5.17 -1.73 -19.35
N ASP A 92 4.48 -1.21 -20.36
CA ASP A 92 4.08 0.17 -20.37
C ASP A 92 2.76 0.44 -19.64
N ARG A 93 2.28 -0.62 -18.99
CA ARG A 93 1.08 -0.54 -18.11
C ARG A 93 1.41 -1.00 -16.70
N VAL A 94 2.68 -0.81 -16.31
CA VAL A 94 3.17 -1.16 -14.96
C VAL A 94 3.84 0.08 -14.36
N TYR A 95 3.49 0.41 -13.12
CA TYR A 95 4.30 1.31 -12.34
C TYR A 95 4.82 0.55 -11.12
N ILE A 96 6.08 0.81 -10.77
CA ILE A 96 6.70 0.24 -9.59
C ILE A 96 7.26 1.39 -8.80
N ASN A 97 6.77 1.55 -7.54
CA ASN A 97 7.31 2.54 -6.64
C ASN A 97 8.42 1.89 -5.79
N TYR A 98 9.57 2.53 -5.79
CA TYR A 98 10.73 2.02 -5.02
C TYR A 98 10.89 2.85 -3.76
N TYR A 99 11.15 2.14 -2.62
CA TYR A 99 11.29 2.77 -1.28
C TYR A 99 12.56 2.23 -0.62
N ASP A 100 13.49 3.15 -0.34
CA ASP A 100 14.71 2.84 0.46
C ASP A 100 14.36 3.11 1.90
N MET A 101 14.08 2.03 2.65
CA MET A 101 13.66 2.16 4.01
C MET A 101 14.83 2.30 4.96
N ASN A 102 14.75 3.22 5.88
CA ASN A 102 15.73 3.24 7.03
C ASN A 102 15.49 2.00 7.86
N ALA A 103 16.58 1.30 8.23
CA ALA A 103 16.39 0.13 9.06
C ALA A 103 15.64 0.33 10.32
N ALA A 104 15.76 1.51 10.94
CA ALA A 104 15.01 1.83 12.15
C ALA A 104 13.50 1.96 11.98
N ASN A 105 13.10 2.01 10.69
CA ASN A 105 11.71 2.11 10.29
C ASN A 105 11.16 0.82 9.68
N VAL A 106 11.81 -0.31 9.98
CA VAL A 106 11.31 -1.60 9.60
C VAL A 106 11.24 -2.51 10.84
N GLY A 107 10.05 -2.88 11.21
CA GLY A 107 9.81 -3.83 12.28
C GLY A 107 9.83 -5.27 11.78
N TRP A 108 10.33 -6.15 12.63
CA TRP A 108 10.40 -7.60 12.38
C TRP A 108 10.71 -8.33 13.70
N ASN A 109 10.09 -9.46 13.96
CA ASN A 109 10.50 -10.30 15.08
C ASN A 109 10.58 -9.51 16.41
N ASN A 110 9.51 -8.82 16.68
CA ASN A 110 9.32 -8.10 17.91
C ASN A 110 10.18 -6.84 18.12
N SER A 111 10.96 -6.43 17.12
CA SER A 111 11.88 -5.34 17.22
C SER A 111 11.99 -4.63 15.91
N THR A 112 13.01 -3.84 15.76
CA THR A 112 13.33 -3.26 14.45
C THR A 112 14.70 -3.58 14.05
N PHE A 113 15.04 -3.36 12.80
CA PHE A 113 16.38 -3.58 12.36
C PHE A 113 17.29 -2.38 12.66
N ALA A 114 18.57 -2.51 12.37
CA ALA A 114 19.49 -1.35 12.38
C ALA A 114 20.53 -1.32 11.20
N PRO B 1 1.04 10.08 -11.97
CA PRO B 1 0.19 10.05 -10.78
C PRO B 1 -0.58 8.77 -10.64
N MET B 2 -0.69 8.36 -9.42
CA MET B 2 -1.29 7.06 -9.14
C MET B 2 -2.14 7.31 -7.91
N PHE B 3 -3.41 6.96 -7.98
CA PHE B 3 -4.36 7.14 -6.90
C PHE B 3 -4.97 5.83 -6.48
N ILE B 4 -4.87 5.48 -5.20
CA ILE B 4 -5.40 4.25 -4.64
C ILE B 4 -6.39 4.55 -3.53
N VAL B 5 -7.53 3.90 -3.58
CA VAL B 5 -8.55 4.06 -2.54
C VAL B 5 -8.86 2.72 -1.92
N ASN B 6 -8.73 2.62 -0.60
CA ASN B 6 -9.13 1.42 0.12
C ASN B 6 -10.34 1.74 0.98
N THR B 7 -11.42 0.97 0.81
CA THR B 7 -12.69 1.34 1.47
C THR B 7 -13.45 0.12 1.92
N ASN B 8 -14.27 0.33 2.93
CA ASN B 8 -15.21 -0.69 3.40
C ASN B 8 -16.55 -0.59 2.63
N VAL B 9 -16.74 0.36 1.72
CA VAL B 9 -17.94 0.37 0.90
C VAL B 9 -17.95 -0.90 0.05
N PRO B 10 -19.13 -1.51 -0.12
CA PRO B 10 -19.23 -2.73 -0.94
C PRO B 10 -18.86 -2.52 -2.41
N ARG B 11 -18.47 -3.59 -3.10
CA ARG B 11 -18.13 -3.51 -4.49
C ARG B 11 -19.31 -3.04 -5.38
N ALA B 12 -20.53 -3.49 -4.99
CA ALA B 12 -21.67 -3.11 -5.81
C ALA B 12 -22.01 -1.63 -5.68
N SER B 13 -21.48 -0.93 -4.69
CA SER B 13 -21.64 0.48 -4.44
C SER B 13 -20.63 1.34 -5.16
N VAL B 14 -19.61 0.70 -5.78
CA VAL B 14 -18.63 1.48 -6.55
C VAL B 14 -19.15 1.65 -8.00
N PRO B 15 -19.43 2.88 -8.41
CA PRO B 15 -19.98 3.07 -9.75
C PRO B 15 -19.07 2.59 -10.84
N ASP B 16 -19.60 2.04 -11.93
CA ASP B 16 -18.77 1.54 -12.99
C ASP B 16 -17.87 2.60 -13.67
N GLY B 17 -18.28 3.83 -13.64
CA GLY B 17 -17.51 4.97 -14.21
C GLY B 17 -16.52 5.59 -13.29
N PHE B 18 -16.42 5.12 -12.04
CA PHE B 18 -15.65 5.87 -11.04
C PHE B 18 -14.15 5.91 -11.43
N LEU B 19 -13.59 4.83 -11.91
CA LEU B 19 -12.16 4.89 -12.19
C LEU B 19 -11.86 5.92 -13.32
N SER B 20 -12.76 5.96 -14.29
CA SER B 20 -12.61 6.92 -15.42
C SER B 20 -12.82 8.31 -14.94
N GLU B 21 -13.79 8.53 -14.05
CA GLU B 21 -14.01 9.87 -13.51
C GLU B 21 -12.81 10.38 -12.74
N LEU B 22 -12.26 9.47 -11.89
CA LEU B 22 -11.07 9.81 -11.14
C LEU B 22 -9.92 10.12 -12.08
N THR B 23 -9.72 9.33 -13.12
CA THR B 23 -8.64 9.54 -14.08
C THR B 23 -8.70 10.96 -14.63
N GLN B 24 -9.90 11.26 -15.14
CA GLN B 24 -10.10 12.55 -15.76
C GLN B 24 -9.96 13.72 -14.84
N GLN B 25 -10.52 13.63 -13.66
CA GLN B 25 -10.41 14.70 -12.66
C GLN B 25 -8.95 14.90 -12.22
N LEU B 26 -8.24 13.78 -12.01
CA LEU B 26 -6.87 13.92 -11.61
C LEU B 26 -6.01 14.49 -12.75
N ALA B 27 -6.32 14.18 -14.01
CA ALA B 27 -5.59 14.81 -15.12
C ALA B 27 -5.74 16.31 -15.06
N GLN B 28 -6.96 16.77 -14.87
CA GLN B 28 -7.21 18.22 -14.76
C GLN B 28 -6.46 18.81 -13.58
N ALA B 29 -6.47 18.14 -12.46
CA ALA B 29 -5.91 18.68 -11.19
C ALA B 29 -4.41 18.76 -11.24
N THR B 30 -3.78 17.81 -11.91
CA THR B 30 -2.30 17.68 -11.91
C THR B 30 -1.73 18.27 -13.19
N GLY B 31 -2.50 18.60 -14.20
CA GLY B 31 -2.06 19.02 -15.46
C GLY B 31 -1.38 17.98 -16.34
N LYS B 32 -1.52 16.70 -16.02
CA LYS B 32 -0.91 15.62 -16.74
C LYS B 32 -1.90 14.99 -17.72
N PRO B 33 -1.48 14.48 -18.87
CA PRO B 33 -2.34 13.74 -19.74
C PRO B 33 -2.95 12.58 -18.95
N PRO B 34 -4.21 12.26 -19.20
CA PRO B 34 -4.86 11.11 -18.57
C PRO B 34 -4.13 9.80 -18.81
N GLN B 35 -3.39 9.65 -19.91
CA GLN B 35 -2.68 8.44 -20.18
C GLN B 35 -1.69 8.10 -19.15
N TYR B 36 -1.24 9.11 -18.39
CA TYR B 36 -0.17 8.85 -17.40
C TYR B 36 -0.76 8.41 -16.06
N ILE B 37 -2.06 8.43 -15.93
CA ILE B 37 -2.70 8.31 -14.59
C ILE B 37 -3.21 6.90 -14.40
N ALA B 38 -2.89 6.38 -13.19
CA ALA B 38 -3.36 5.07 -12.81
C ALA B 38 -4.22 5.22 -11.56
N VAL B 39 -5.30 4.45 -11.54
N VAL B 39 -5.32 4.45 -11.56
CA VAL B 39 -6.26 4.49 -10.43
C VAL B 39 -6.63 3.06 -10.00
C VAL B 39 -6.64 3.05 -10.01
N HIS B 40 -6.86 2.88 -8.69
CA HIS B 40 -7.09 1.58 -8.12
C HIS B 40 -8.05 1.77 -6.96
N VAL B 41 -9.18 1.03 -7.00
CA VAL B 41 -10.20 1.06 -5.97
C VAL B 41 -10.37 -0.31 -5.38
N VAL B 42 -10.32 -0.39 -4.05
CA VAL B 42 -10.35 -1.65 -3.33
C VAL B 42 -11.54 -1.62 -2.33
N PRO B 43 -12.66 -2.17 -2.72
CA PRO B 43 -13.83 -2.16 -1.89
C PRO B 43 -13.92 -3.37 -0.97
N ASP B 44 -14.95 -3.43 -0.18
CA ASP B 44 -15.20 -4.56 0.71
C ASP B 44 -14.17 -4.80 1.82
N GLN B 45 -13.47 -3.75 2.21
CA GLN B 45 -12.37 -3.89 3.15
C GLN B 45 -12.82 -3.89 4.65
N LEU B 46 -12.11 -4.67 5.46
CA LEU B 46 -12.29 -4.72 6.90
C LEU B 46 -11.52 -3.58 7.48
N MET B 47 -12.25 -2.51 7.84
CA MET B 47 -11.63 -1.29 8.31
C MET B 47 -12.39 -0.63 9.46
N ALA B 48 -11.69 0.19 10.21
CA ALA B 48 -12.32 1.09 11.15
C ALA B 48 -11.63 2.41 11.10
N PHE B 49 -12.39 3.46 11.38
CA PHE B 49 -11.86 4.79 11.41
C PHE B 49 -12.44 5.45 12.66
N GLY B 50 -11.57 5.87 13.56
CA GLY B 50 -12.09 6.45 14.83
C GLY B 50 -12.83 5.42 15.61
N GLY B 51 -12.55 4.14 15.50
CA GLY B 51 -13.26 3.10 16.21
C GLY B 51 -14.65 2.74 15.72
N SER B 52 -15.04 3.25 14.54
CA SER B 52 -16.29 2.98 13.93
C SER B 52 -16.14 2.31 12.54
N SER B 53 -17.07 1.47 12.20
CA SER B 53 -17.06 0.79 10.90
C SER B 53 -18.05 1.40 9.92
N GLU B 54 -18.47 2.66 10.14
CA GLU B 54 -19.19 3.39 9.13
C GLU B 54 -18.29 3.59 7.87
N PRO B 55 -18.87 3.90 6.74
CA PRO B 55 -18.07 4.06 5.51
C PRO B 55 -16.85 4.93 5.74
N CYS B 56 -15.66 4.52 5.24
CA CYS B 56 -14.46 5.28 5.38
C CYS B 56 -13.51 4.92 4.18
N ALA B 57 -12.42 5.67 4.10
CA ALA B 57 -11.44 5.38 3.04
C ALA B 57 -10.12 5.77 3.48
N LEU B 58 -9.11 4.92 3.14
CA LEU B 58 -7.70 5.17 3.30
C LEU B 58 -7.09 5.17 1.91
N CYS B 59 -6.49 6.26 1.55
CA CYS B 59 -6.12 6.51 0.14
C CYS B 59 -4.66 6.93 0.04
N SER B 60 -4.05 6.84 -1.13
CA SER B 60 -2.74 7.36 -1.43
C SER B 60 -2.70 8.01 -2.76
N LEU B 61 -2.01 9.12 -2.89
CA LEU B 61 -1.72 9.77 -4.14
C LEU B 61 -0.20 9.92 -4.32
N HIS B 62 0.35 9.21 -5.29
CA HIS B 62 1.77 9.31 -5.65
C HIS B 62 1.91 10.12 -6.94
N SER B 63 2.91 10.98 -6.98
CA SER B 63 3.19 11.73 -8.21
C SER B 63 4.63 12.08 -8.26
N ILE B 64 5.21 12.18 -9.46
CA ILE B 64 6.58 12.70 -9.60
C ILE B 64 6.36 14.21 -9.72
N GLY B 65 6.54 14.90 -8.64
CA GLY B 65 6.19 16.28 -8.56
C GLY B 65 4.71 16.51 -8.45
N LYS B 66 4.34 17.79 -8.52
CA LYS B 66 2.90 18.20 -8.36
C LYS B 66 2.39 17.80 -6.98
N ILE B 67 3.27 17.76 -5.97
CA ILE B 67 2.90 17.48 -4.61
C ILE B 67 3.47 18.59 -3.76
N GLY B 68 2.69 19.12 -2.85
CA GLY B 68 3.19 20.16 -1.96
C GLY B 68 2.07 20.71 -1.11
N GLY B 69 2.40 21.61 -0.19
CA GLY B 69 1.44 22.06 0.73
C GLY B 69 0.12 22.57 0.12
N ALA B 70 0.19 23.55 -0.77
CA ALA B 70 -0.99 24.07 -1.32
C ALA B 70 -1.67 23.10 -2.27
N GLN B 71 -0.87 22.43 -3.11
CA GLN B 71 -1.47 21.44 -4.02
C GLN B 71 -2.21 20.33 -3.29
N ASN B 72 -1.66 19.85 -2.19
CA ASN B 72 -2.30 18.80 -1.45
C ASN B 72 -3.59 19.24 -0.81
N ARG B 73 -3.61 20.47 -0.32
CA ARG B 73 -4.87 20.98 0.20
C ARG B 73 -5.99 20.99 -0.88
N SER B 74 -5.59 21.37 -2.07
CA SER B 74 -6.54 21.36 -3.21
C SER B 74 -6.99 19.94 -3.60
N TYR B 75 -6.01 19.02 -3.68
CA TYR B 75 -6.34 17.63 -4.00
C TYR B 75 -7.33 17.11 -2.97
N SER B 76 -7.15 17.41 -1.70
CA SER B 76 -8.05 16.88 -0.68
C SER B 76 -9.50 17.29 -0.91
N LYS B 77 -9.70 18.51 -1.35
CA LYS B 77 -11.07 18.93 -1.69
C LYS B 77 -11.62 18.16 -2.88
N LEU B 78 -10.80 18.05 -3.94
CA LEU B 78 -11.25 17.28 -5.12
C LEU B 78 -11.63 15.87 -4.73
N LEU B 79 -10.70 15.21 -4.03
CA LEU B 79 -10.87 13.81 -3.77
C LEU B 79 -11.94 13.50 -2.75
N CYS B 80 -11.99 14.28 -1.66
CA CYS B 80 -13.11 14.17 -0.74
C CYS B 80 -14.46 14.37 -1.44
N GLY B 81 -14.52 15.29 -2.36
CA GLY B 81 -15.76 15.50 -3.10
C GLY B 81 -16.22 14.31 -3.90
N LEU B 82 -15.27 13.73 -4.61
CA LEU B 82 -15.57 12.54 -5.41
C LEU B 82 -15.97 11.36 -4.55
N LEU B 83 -15.24 11.12 -3.45
CA LEU B 83 -15.55 10.02 -2.52
C LEU B 83 -16.90 10.22 -1.85
N ALA B 84 -17.17 11.49 -1.51
CA ALA B 84 -18.43 11.76 -0.92
C ALA B 84 -19.60 11.52 -1.86
N GLU B 85 -19.50 12.02 -3.05
CA GLU B 85 -20.64 11.89 -3.94
C GLU B 85 -20.80 10.45 -4.44
N ARG B 86 -19.71 9.88 -4.91
CA ARG B 86 -19.84 8.60 -5.60
C ARG B 86 -19.79 7.39 -4.64
N LEU B 87 -19.08 7.50 -3.54
CA LEU B 87 -19.05 6.35 -2.59
C LEU B 87 -19.80 6.59 -1.28
N ARG B 88 -20.41 7.77 -1.16
CA ARG B 88 -21.21 8.14 0.01
C ARG B 88 -20.41 8.08 1.32
N ILE B 89 -19.13 8.45 1.22
CA ILE B 89 -18.26 8.50 2.40
C ILE B 89 -18.20 9.94 2.94
N SER B 90 -18.41 10.05 4.26
CA SER B 90 -18.24 11.36 4.88
C SER B 90 -16.82 11.86 4.74
N PRO B 91 -16.52 13.12 4.42
CA PRO B 91 -15.13 13.59 4.20
C PRO B 91 -14.23 13.59 5.39
N ASP B 92 -14.85 13.49 6.56
CA ASP B 92 -14.11 13.37 7.77
C ASP B 92 -13.74 11.94 8.14
N ARG B 93 -14.03 11.05 7.21
CA ARG B 93 -13.66 9.62 7.34
C ARG B 93 -12.76 9.18 6.21
N VAL B 94 -12.03 10.13 5.70
CA VAL B 94 -11.10 9.92 4.58
C VAL B 94 -9.73 10.37 5.00
N TYR B 95 -8.72 9.53 4.84
CA TYR B 95 -7.34 9.95 4.86
C TYR B 95 -6.68 9.74 3.54
N ILE B 96 -5.86 10.69 3.09
CA ILE B 96 -5.12 10.60 1.86
C ILE B 96 -3.65 10.83 2.16
N ASN B 97 -2.81 9.82 1.94
CA ASN B 97 -1.39 10.04 2.06
C ASN B 97 -0.79 10.47 0.70
N TYR B 98 -0.08 11.59 0.72
CA TYR B 98 0.55 12.16 -0.48
C TYR B 98 2.04 11.83 -0.50
N TYR B 99 2.51 11.36 -1.68
CA TYR B 99 3.93 10.98 -1.87
C TYR B 99 4.45 11.66 -3.10
N ASP B 100 5.46 12.48 -2.88
CA ASP B 100 6.22 13.09 -3.96
C ASP B 100 7.35 12.16 -4.31
N MET B 101 7.23 11.40 -5.38
CA MET B 101 8.23 10.43 -5.78
C MET B 101 9.33 11.02 -6.56
N ASN B 102 10.56 10.62 -6.25
CA ASN B 102 11.67 10.91 -7.16
C ASN B 102 11.53 10.08 -8.42
N ALA B 103 11.82 10.66 -9.60
CA ALA B 103 11.77 9.96 -10.85
C ALA B 103 12.61 8.66 -10.91
N ALA B 104 13.75 8.66 -10.19
CA ALA B 104 14.58 7.48 -10.12
C ALA B 104 13.96 6.32 -9.34
N ASN B 105 12.92 6.65 -8.60
CA ASN B 105 12.23 5.69 -7.73
C ASN B 105 10.84 5.32 -8.26
N VAL B 106 10.60 5.54 -9.55
CA VAL B 106 9.35 5.09 -10.20
C VAL B 106 9.75 4.32 -11.46
N GLY B 107 9.50 3.04 -11.44
CA GLY B 107 9.63 2.16 -12.58
C GLY B 107 8.42 2.16 -13.47
N TRP B 108 8.68 2.01 -14.77
CA TRP B 108 7.68 1.95 -15.81
C TRP B 108 8.39 1.45 -17.12
N ASN B 109 7.78 0.56 -17.85
CA ASN B 109 8.24 0.24 -19.19
C ASN B 109 9.72 -0.19 -19.19
N ASN B 110 10.00 -1.06 -18.26
CA ASN B 110 11.32 -1.67 -18.18
C ASN B 110 12.46 -0.79 -17.68
N SER B 111 12.16 0.40 -17.18
CA SER B 111 13.18 1.34 -16.78
C SER B 111 12.59 2.21 -15.69
N THR B 112 13.14 3.33 -15.43
CA THR B 112 12.60 4.32 -14.52
C THR B 112 12.51 5.66 -15.22
N PHE B 113 11.91 6.63 -14.60
CA PHE B 113 11.74 7.92 -15.23
C PHE B 113 12.97 8.82 -15.17
N ALA B 114 13.99 8.39 -14.43
CA ALA B 114 15.23 9.20 -14.35
C ALA B 114 15.99 9.23 -15.66
N PRO C 1 -2.71 8.33 13.21
CA PRO C 1 -2.09 7.03 12.95
C PRO C 1 -2.99 6.09 12.20
N MET C 2 -2.37 5.34 11.32
CA MET C 2 -3.09 4.48 10.42
C MET C 2 -2.27 3.19 10.36
N PHE C 3 -2.93 2.10 10.69
CA PHE C 3 -2.25 0.79 10.71
C PHE C 3 -2.94 -0.17 9.79
N ILE C 4 -2.18 -0.80 8.85
CA ILE C 4 -2.67 -1.73 7.87
C ILE C 4 -1.91 -3.08 8.01
N VAL C 5 -2.68 -4.14 8.00
CA VAL C 5 -2.10 -5.51 8.08
C VAL C 5 -2.56 -6.23 6.85
N ASN C 6 -1.59 -6.74 6.09
CA ASN C 6 -1.85 -7.64 4.99
C ASN C 6 -1.39 -9.04 5.35
N THR C 7 -2.27 -10.03 5.23
CA THR C 7 -1.94 -11.41 5.71
C THR C 7 -2.58 -12.44 4.90
N ASN C 8 -1.94 -13.64 4.89
CA ASN C 8 -2.44 -14.83 4.25
C ASN C 8 -3.34 -15.62 5.20
N VAL C 9 -3.47 -15.22 6.44
CA VAL C 9 -4.41 -15.94 7.39
C VAL C 9 -5.82 -15.75 6.87
N PRO C 10 -6.64 -16.77 6.96
CA PRO C 10 -8.02 -16.59 6.42
C PRO C 10 -8.90 -15.69 7.27
N ARG C 11 -9.94 -15.15 6.63
CA ARG C 11 -10.81 -14.18 7.25
C ARG C 11 -11.48 -14.74 8.54
N ALA C 12 -11.78 -16.03 8.49
CA ALA C 12 -12.46 -16.64 9.65
C ALA C 12 -11.58 -16.72 10.87
N SER C 13 -10.23 -16.63 10.71
CA SER C 13 -9.29 -16.60 11.74
C SER C 13 -9.10 -15.23 12.39
N VAL C 14 -9.68 -14.15 11.84
CA VAL C 14 -9.56 -12.82 12.41
C VAL C 14 -10.67 -12.67 13.47
N PRO C 15 -10.27 -12.50 14.73
CA PRO C 15 -11.33 -12.49 15.77
C PRO C 15 -12.22 -11.32 15.63
N ASP C 16 -13.48 -11.54 16.04
CA ASP C 16 -14.36 -10.42 16.30
C ASP C 16 -13.70 -9.63 17.43
N GLY C 17 -13.68 -8.37 17.18
CA GLY C 17 -13.07 -7.45 18.09
C GLY C 17 -11.64 -6.99 17.77
N PHE C 18 -11.03 -7.65 16.77
CA PHE C 18 -9.62 -7.29 16.41
C PHE C 18 -9.38 -5.84 16.01
N LEU C 19 -10.18 -5.29 15.22
CA LEU C 19 -10.00 -3.93 14.80
C LEU C 19 -10.16 -2.98 16.00
N SER C 20 -11.13 -3.27 16.83
CA SER C 20 -11.29 -2.46 18.06
C SER C 20 -10.12 -2.57 18.98
N GLU C 21 -9.60 -3.77 19.14
CA GLU C 21 -8.41 -3.96 19.94
C GLU C 21 -7.21 -3.24 19.39
N LEU C 22 -7.01 -3.33 18.06
CA LEU C 22 -5.95 -2.53 17.52
C LEU C 22 -6.09 -1.03 17.73
N THR C 23 -7.30 -0.51 17.52
CA THR C 23 -7.56 0.90 17.76
C THR C 23 -7.17 1.38 19.18
N GLN C 24 -7.64 0.55 20.10
CA GLN C 24 -7.37 0.83 21.54
C GLN C 24 -5.91 0.72 21.96
N GLN C 25 -5.27 -0.32 21.44
CA GLN C 25 -3.86 -0.51 21.73
C GLN C 25 -2.98 0.55 21.08
N LEU C 26 -3.33 0.95 19.82
CA LEU C 26 -2.65 2.05 19.24
C LEU C 26 -2.83 3.43 19.88
N ALA C 27 -4.05 3.66 20.36
CA ALA C 27 -4.27 4.90 21.10
C ALA C 27 -3.37 4.94 22.36
N GLN C 28 -3.30 3.86 23.05
CA GLN C 28 -2.35 3.80 24.22
C GLN C 28 -0.89 3.96 23.85
N ALA C 29 -0.48 3.28 22.77
CA ALA C 29 0.90 3.35 22.36
C ALA C 29 1.41 4.67 21.87
N THR C 30 0.56 5.35 21.11
CA THR C 30 0.92 6.58 20.46
C THR C 30 0.51 7.84 21.21
N GLY C 31 -0.40 7.69 22.14
CA GLY C 31 -0.97 8.82 22.83
C GLY C 31 -2.03 9.59 22.06
N LYS C 32 -2.39 9.11 20.88
CA LYS C 32 -3.33 9.86 20.06
C LYS C 32 -4.71 9.38 20.40
N PRO C 33 -5.69 10.28 20.29
CA PRO C 33 -7.05 9.92 20.61
C PRO C 33 -7.60 8.96 19.55
N PRO C 34 -8.38 8.01 19.98
CA PRO C 34 -8.89 6.97 19.13
C PRO C 34 -9.67 7.57 17.94
N GLN C 35 -10.25 8.74 18.08
CA GLN C 35 -11.02 9.33 16.95
C GLN C 35 -10.24 9.52 15.68
N TYR C 36 -8.92 9.60 15.80
CA TYR C 36 -8.04 9.91 14.70
C TYR C 36 -7.40 8.62 14.18
N ILE C 37 -7.65 7.49 14.78
CA ILE C 37 -6.94 6.26 14.42
C ILE C 37 -7.71 5.48 13.42
N ALA C 38 -6.96 5.02 12.36
CA ALA C 38 -7.60 4.13 11.38
C ALA C 38 -6.87 2.80 11.34
N VAL C 39 -7.61 1.71 11.17
CA VAL C 39 -7.08 0.36 11.15
C VAL C 39 -7.71 -0.38 9.96
N HIS C 40 -6.92 -1.25 9.35
CA HIS C 40 -7.34 -1.91 8.12
C HIS C 40 -6.64 -3.30 8.09
N VAL C 41 -7.45 -4.35 8.03
CA VAL C 41 -6.93 -5.73 8.04
C VAL C 41 -7.40 -6.41 6.80
N VAL C 42 -6.44 -7.05 6.10
CA VAL C 42 -6.65 -7.64 4.78
C VAL C 42 -6.23 -9.11 4.80
N PRO C 43 -7.17 -9.99 5.07
CA PRO C 43 -6.89 -11.42 5.12
C PRO C 43 -6.91 -12.09 3.78
N ASP C 44 -6.62 -13.41 3.77
CA ASP C 44 -6.76 -14.22 2.58
C ASP C 44 -5.85 -13.86 1.41
N GLN C 45 -4.75 -13.23 1.72
CA GLN C 45 -3.82 -12.75 0.69
C GLN C 45 -2.86 -13.82 0.19
N LEU C 46 -2.52 -13.74 -1.08
CA LEU C 46 -1.52 -14.60 -1.74
C LEU C 46 -0.19 -14.03 -1.46
N MET C 47 0.52 -14.61 -0.49
CA MET C 47 1.78 -14.09 -0.02
C MET C 47 2.81 -15.20 0.23
N ALA C 48 4.07 -14.82 0.22
CA ALA C 48 5.12 -15.68 0.71
C ALA C 48 6.06 -14.85 1.49
N PHE C 49 6.67 -15.45 2.51
CA PHE C 49 7.70 -14.83 3.31
C PHE C 49 8.83 -15.88 3.42
N GLY C 50 10.00 -15.51 2.93
CA GLY C 50 11.11 -16.45 2.93
C GLY C 50 10.83 -17.68 2.06
N GLY C 51 10.03 -17.52 1.02
CA GLY C 51 9.66 -18.60 0.10
C GLY C 51 8.61 -19.56 0.56
N SER C 52 8.05 -19.32 1.76
CA SER C 52 7.11 -20.18 2.41
C SER C 52 5.73 -19.50 2.49
N SER C 53 4.70 -20.28 2.38
CA SER C 53 3.34 -19.77 2.51
C SER C 53 2.77 -20.02 3.86
N GLU C 54 3.58 -20.30 4.91
CA GLU C 54 3.10 -20.34 6.27
C GLU C 54 2.57 -18.94 6.66
N PRO C 55 1.78 -18.86 7.70
CA PRO C 55 1.23 -17.54 8.08
C PRO C 55 2.30 -16.43 8.16
N CYS C 56 1.97 -15.27 7.59
CA CYS C 56 2.89 -14.14 7.56
C CYS C 56 2.03 -12.84 7.47
N ALA C 57 2.72 -11.72 7.61
CA ALA C 57 2.04 -10.43 7.48
C ALA C 57 3.00 -9.42 7.04
N LEU C 58 2.48 -8.49 6.19
CA LEU C 58 3.15 -7.27 5.79
C LEU C 58 2.29 -6.08 6.21
N CYS C 59 2.85 -5.21 7.00
CA CYS C 59 2.07 -4.17 7.67
C CYS C 59 2.70 -2.80 7.43
N SER C 60 1.92 -1.78 7.73
CA SER C 60 2.39 -0.40 7.66
C SER C 60 1.78 0.40 8.84
N LEU C 61 2.58 1.26 9.48
CA LEU C 61 2.08 2.25 10.45
C LEU C 61 2.51 3.57 9.97
N HIS C 62 1.51 4.45 9.65
CA HIS C 62 1.78 5.84 9.30
C HIS C 62 1.35 6.69 10.47
N SER C 63 2.16 7.68 10.77
CA SER C 63 1.81 8.60 11.89
C SER C 63 2.46 9.92 11.58
N ILE C 64 1.79 11.04 11.96
CA ILE C 64 2.42 12.33 11.93
C ILE C 64 3.18 12.54 13.27
N GLY C 65 4.47 12.30 13.20
CA GLY C 65 5.26 12.17 14.44
C GLY C 65 5.02 10.86 15.19
N LYS C 66 5.60 10.75 16.39
CA LYS C 66 5.50 9.57 17.21
C LYS C 66 6.19 8.37 16.48
N ILE C 67 7.15 8.66 15.60
CA ILE C 67 7.94 7.61 14.91
C ILE C 67 9.41 7.85 15.19
N GLY C 68 10.13 6.79 15.54
CA GLY C 68 11.51 6.96 15.85
C GLY C 68 12.14 5.69 16.33
N GLY C 69 13.47 5.72 16.51
CA GLY C 69 14.11 4.44 16.84
C GLY C 69 13.55 3.60 17.96
N ALA C 70 13.51 4.16 19.16
CA ALA C 70 12.96 3.41 20.26
C ALA C 70 11.47 3.21 20.24
N GLN C 71 10.73 4.24 19.77
CA GLN C 71 9.30 4.14 19.65
C GLN C 71 8.94 2.94 18.70
N ASN C 72 9.67 2.86 17.61
CA ASN C 72 9.32 1.80 16.61
C ASN C 72 9.61 0.41 17.15
N ARG C 73 10.64 0.26 17.96
CA ARG C 73 10.85 -1.01 18.61
C ARG C 73 9.68 -1.38 19.51
N SER C 74 9.22 -0.42 20.30
CA SER C 74 8.07 -0.64 21.17
C SER C 74 6.81 -1.05 20.42
N TYR C 75 6.54 -0.31 19.30
CA TYR C 75 5.44 -0.61 18.48
C TYR C 75 5.56 -2.03 17.90
N SER C 76 6.78 -2.41 17.48
CA SER C 76 6.95 -3.76 16.88
C SER C 76 6.69 -4.87 17.88
N LYS C 77 7.14 -4.68 19.12
CA LYS C 77 6.82 -5.64 20.14
C LYS C 77 5.32 -5.75 20.39
N LEU C 78 4.64 -4.61 20.49
CA LEU C 78 3.21 -4.57 20.68
C LEU C 78 2.46 -5.27 19.55
N LEU C 79 2.79 -4.87 18.34
CA LEU C 79 2.03 -5.29 17.17
C LEU C 79 2.32 -6.75 16.75
N CYS C 80 3.59 -7.16 16.82
CA CYS C 80 3.89 -8.54 16.61
C CYS C 80 3.24 -9.39 17.68
N GLY C 81 3.19 -8.84 18.91
CA GLY C 81 2.51 -9.59 19.95
C GLY C 81 1.04 -9.81 19.69
N LEU C 82 0.36 -8.79 19.19
CA LEU C 82 -1.04 -8.95 18.78
C LEU C 82 -1.25 -9.91 17.63
N LEU C 83 -0.41 -9.80 16.59
CA LEU C 83 -0.52 -10.69 15.47
C LEU C 83 -0.29 -12.14 15.87
N ALA C 84 0.69 -12.35 16.75
CA ALA C 84 0.93 -13.69 17.23
C ALA C 84 -0.22 -14.22 18.04
N GLU C 85 -0.68 -13.45 19.00
CA GLU C 85 -1.76 -13.94 19.94
C GLU C 85 -3.06 -14.10 19.22
N ARG C 86 -3.41 -13.13 18.36
CA ARG C 86 -4.72 -13.13 17.75
C ARG C 86 -4.85 -13.84 16.40
N LEU C 87 -3.79 -13.73 15.57
CA LEU C 87 -3.79 -14.31 14.23
C LEU C 87 -2.87 -15.53 14.04
N ARG C 88 -2.13 -15.87 15.12
CA ARG C 88 -1.20 -17.00 15.15
C ARG C 88 -0.09 -16.91 14.10
N ILE C 89 0.37 -15.65 13.88
CA ILE C 89 1.51 -15.41 12.98
C ILE C 89 2.79 -15.30 13.81
N SER C 90 3.79 -16.06 13.43
CA SER C 90 5.07 -15.89 14.09
C SER C 90 5.70 -14.53 13.90
N PRO C 91 6.24 -13.93 14.95
CA PRO C 91 6.84 -12.61 14.82
C PRO C 91 7.91 -12.50 13.75
N ASP C 92 8.62 -13.59 13.47
CA ASP C 92 9.65 -13.53 12.47
C ASP C 92 9.17 -13.71 11.02
N ARG C 93 7.87 -13.67 10.87
CA ARG C 93 7.24 -13.70 9.56
C ARG C 93 6.33 -12.48 9.42
N VAL C 94 6.74 -11.42 10.09
CA VAL C 94 6.02 -10.11 10.02
C VAL C 94 7.04 -9.02 9.66
N TYR C 95 6.68 -8.17 8.71
CA TYR C 95 7.38 -6.91 8.52
C TYR C 95 6.39 -5.76 8.81
N ILE C 96 6.86 -4.73 9.47
CA ILE C 96 6.06 -3.50 9.66
C ILE C 96 6.86 -2.36 9.18
N ASN C 97 6.36 -1.67 8.14
CA ASN C 97 7.03 -0.47 7.66
C ASN C 97 6.46 0.76 8.43
N TYR C 98 7.33 1.57 8.98
CA TYR C 98 6.94 2.77 9.70
C TYR C 98 7.19 4.01 8.86
N TYR C 99 6.20 4.90 8.83
CA TYR C 99 6.25 6.15 8.03
C TYR C 99 5.90 7.34 8.93
N ASP C 100 6.89 8.24 9.11
CA ASP C 100 6.67 9.52 9.80
C ASP C 100 6.25 10.52 8.70
N MET C 101 4.91 10.74 8.62
CA MET C 101 4.38 11.62 7.62
C MET C 101 4.45 13.11 7.96
N ASN C 102 4.85 13.90 6.99
CA ASN C 102 4.73 15.37 7.16
C ASN C 102 3.25 15.67 7.17
N ALA C 103 2.80 16.56 8.11
CA ALA C 103 1.40 16.92 8.18
C ALA C 103 0.88 17.50 6.86
N ALA C 104 1.70 18.15 6.05
CA ALA C 104 1.29 18.72 4.74
C ALA C 104 0.95 17.59 3.74
N ASN C 105 1.48 16.41 4.04
CA ASN C 105 1.27 15.24 3.13
C ASN C 105 0.22 14.30 3.62
N VAL C 106 -0.59 14.67 4.59
CA VAL C 106 -1.71 13.89 5.03
C VAL C 106 -3.01 14.70 4.84
N GLY C 107 -3.85 14.25 3.90
CA GLY C 107 -5.13 14.88 3.65
C GLY C 107 -6.17 14.27 4.45
N TRP C 108 -7.10 15.13 4.92
CA TRP C 108 -8.25 14.77 5.72
C TRP C 108 -9.33 15.87 5.55
N ASN C 109 -10.57 15.49 5.33
CA ASN C 109 -11.66 16.46 5.37
C ASN C 109 -11.31 17.76 4.66
N ASN C 110 -11.01 17.61 3.39
CA ASN C 110 -10.92 18.76 2.52
C ASN C 110 -9.76 19.72 2.76
N SER C 111 -8.74 19.21 3.44
CA SER C 111 -7.53 19.95 3.67
C SER C 111 -6.40 19.00 4.04
N THR C 112 -5.33 19.53 4.63
CA THR C 112 -4.27 18.65 5.21
C THR C 112 -4.20 19.00 6.68
N PHE C 113 -3.28 18.32 7.34
CA PHE C 113 -3.05 18.60 8.74
C PHE C 113 -2.02 19.68 9.01
N ALA C 114 -1.42 20.24 7.99
CA ALA C 114 -0.39 21.31 8.16
C ALA C 114 -1.09 22.54 8.74
CAJ 35J D . 13.73 -6.64 2.94
SAB 35J D . 13.04 -5.24 3.41
NAI 35J D . 14.43 -7.37 3.82
CAG 35J D . 14.60 -6.95 5.22
CAK 35J D . 15.90 -7.21 5.63
CAE 35J D . 16.96 -6.55 5.02
CAC 35J D . 18.27 -6.81 5.43
CAD 35J D . 18.51 -7.73 6.44
NAH 35J D . 17.44 -8.40 7.06
CAF 35J D . 16.14 -8.13 6.65
S SO4 E . 22.87 2.98 -7.94
O1 SO4 E . 22.85 3.86 -9.12
O2 SO4 E . 21.64 2.15 -7.92
O3 SO4 E . 24.06 2.11 -7.98
O4 SO4 E . 22.91 3.82 -6.70
C1 GOL F . 12.70 -12.31 19.25
O1 GOL F . 11.87 -11.85 20.32
C2 GOL F . 14.00 -12.89 19.84
O2 GOL F . 13.69 -13.95 20.74
C3 GOL F . 14.87 -13.43 18.70
O3 GOL F . 14.15 -14.43 17.99
C1 IPA G . 23.27 2.91 -14.93
C2 IPA G . 22.99 1.76 -15.89
C3 IPA G . 23.22 2.23 -17.34
O2 IPA G . 21.63 1.34 -15.75
CAJ 35J H . 2.18 9.45 -12.30
SAB 35J H . 3.13 8.87 -11.10
NAI 35J H . 2.62 9.48 -13.56
CAG 35J H . 3.97 9.00 -13.92
CAK 35J H . 4.42 9.72 -15.02
CAE 35J H . 5.04 10.95 -14.84
CAC 35J H . 5.50 11.67 -15.94
CAD 35J H . 5.36 11.16 -17.22
NAH 35J H . 4.74 9.91 -17.41
CAF 35J H . 4.28 9.20 -16.30
S SO4 I . 2.92 23.89 -3.15
O1 SO4 I . 2.78 24.87 -4.25
O2 SO4 I . 1.98 22.76 -3.37
O3 SO4 I . 4.31 23.38 -3.11
O4 SO4 I . 2.60 24.55 -1.87
C1 GOL J . 6.11 15.18 -17.55
O1 GOL J . 4.84 14.88 -16.95
C2 GOL J . 6.34 16.69 -17.54
O2 GOL J . 6.57 17.13 -16.21
C3 GOL J . 7.54 17.03 -18.41
O3 GOL J . 8.71 16.37 -17.90
C1 IPA K . -2.92 28.50 -0.28
C2 IPA K . -4.03 27.57 -0.32
C3 IPA K . -5.07 28.04 0.64
O2 IPA K . -3.50 26.37 0.04
CAJ 35J L . -2.84 9.36 12.39
SAB 35J L . -2.07 9.50 10.95
NAI 35J L . -3.59 10.37 12.85
CAG 35J L . -3.76 11.62 12.09
CAK 35J L . -3.34 12.69 12.86
CAE 35J L . -2.19 12.58 13.65
CAC 35J L . -1.76 13.65 14.42
CAD 35J L . -2.47 14.85 14.43
NAH 35J L . -3.62 14.97 13.63
CAF 35J L . -4.05 13.88 12.86
S SO4 M . 12.80 7.80 19.65
O1 SO4 M . 13.05 8.86 18.66
O2 SO4 M . 11.66 6.96 19.19
O3 SO4 M . 14.01 6.96 19.78
O4 SO4 M . 12.47 8.41 20.95
#